data_3KYJ
#
_entry.id   3KYJ
#
_cell.length_a   43.718
_cell.length_b   62.011
_cell.length_c   48.911
_cell.angle_alpha   90.000
_cell.angle_beta   101.260
_cell.angle_gamma   90.000
#
_symmetry.space_group_name_H-M   'P 1 21 1'
#
loop_
_entity.id
_entity.type
_entity.pdbx_description
1 polymer 'Putative histidine protein kinase'
2 polymer 'CheY6 protein'
3 non-polymer 'SODIUM ION'
4 water water
#
loop_
_entity_poly.entity_id
_entity_poly.type
_entity_poly.pdbx_seq_one_letter_code
_entity_poly.pdbx_strand_id
1 'polypeptide(L)'
;MGSDAFDEMDEIWALYADDGAQALDAMEASLLALQAGEDAAAHVGPLFRAVHTFKGNSRVLGLSVVESRAHLCEDLIGLV
RDAGVPMDGEIVEILLFASDTLRAMLEETAASRADVEGTGSEALMDQLRSKIARCSRSHHHHHH
;
A
2 'polypeptide(L)'
;MRGSHHHHHHGSPYNVMIVDDAAMMRLYIASFIKTLPDFKVVAQAANGQEALDKLAAQPNVDLILLDIEMPVMDGMEFLR
HAKLKTRAKICMLSSVAVSGSPHAARARELGADGVVAKPSGTVSHDLEEKTGGELARTMRTLMAA
;
B
#
loop_
_chem_comp.id
_chem_comp.type
_chem_comp.name
_chem_comp.formula
NA non-polymer 'SODIUM ION' 'Na 1'
#
# COMPACT_ATOMS: atom_id res chain seq x y z
N MET A 9 1.48 16.55 -11.33
CA MET A 9 0.31 15.79 -10.90
C MET A 9 -0.26 14.92 -12.02
N ASP A 10 0.05 15.24 -13.26
CA ASP A 10 -0.40 14.41 -14.39
C ASP A 10 0.06 12.97 -14.20
N GLU A 11 1.31 12.80 -13.80
CA GLU A 11 1.87 11.46 -13.69
C GLU A 11 1.18 10.63 -12.59
N ILE A 12 0.88 11.22 -11.44
CA ILE A 12 0.28 10.43 -10.38
C ILE A 12 -1.15 10.07 -10.71
N TRP A 13 -1.89 10.95 -11.39
CA TRP A 13 -3.24 10.60 -11.79
C TRP A 13 -3.26 9.52 -12.87
N ALA A 14 -2.28 9.54 -13.78
CA ALA A 14 -2.14 8.49 -14.78
C ALA A 14 -1.87 7.15 -14.11
N LEU A 15 -0.98 7.17 -13.11
CA LEU A 15 -0.63 5.96 -12.39
C LEU A 15 -1.82 5.45 -11.57
N TYR A 16 -2.58 6.35 -10.97
CA TYR A 16 -3.78 5.93 -10.24
C TYR A 16 -4.72 5.14 -11.14
N ALA A 17 -4.92 5.63 -12.36
CA ALA A 17 -5.83 4.96 -13.27
C ALA A 17 -5.27 3.62 -13.74
N ASP A 18 -3.98 3.57 -14.05
CA ASP A 18 -3.37 2.37 -14.59
C ASP A 18 -3.25 1.30 -13.51
N ASP A 19 -2.66 1.65 -12.38
CA ASP A 19 -2.47 0.71 -11.25
C ASP A 19 -3.84 0.27 -10.71
N GLY A 20 -4.80 1.19 -10.70
CA GLY A 20 -6.15 0.85 -10.24
C GLY A 20 -6.81 -0.15 -11.14
N ALA A 21 -6.63 0.01 -12.44
CA ALA A 21 -7.22 -0.94 -13.38
C ALA A 21 -6.61 -2.34 -13.22
N GLN A 22 -5.29 -2.41 -13.01
CA GLN A 22 -4.63 -3.69 -12.77
C GLN A 22 -5.16 -4.35 -11.50
N ALA A 23 -5.32 -3.57 -10.43
CA ALA A 23 -5.81 -4.13 -9.19
C ALA A 23 -7.25 -4.63 -9.35
N LEU A 24 -8.12 -3.84 -9.99
CA LEU A 24 -9.50 -4.28 -10.18
C LEU A 24 -9.57 -5.48 -11.14
N ASP A 25 -8.68 -5.56 -12.12
CA ASP A 25 -8.64 -6.74 -12.99
C ASP A 25 -8.33 -7.99 -12.15
N ALA A 26 -7.40 -7.86 -11.20
CA ALA A 26 -7.02 -8.98 -10.35
C ALA A 26 -8.16 -9.35 -9.40
N MET A 27 -8.85 -8.33 -8.87
CA MET A 27 -9.99 -8.55 -8.00
C MET A 27 -11.08 -9.32 -8.74
N GLU A 28 -11.43 -8.84 -9.93
CA GLU A 28 -12.44 -9.52 -10.73
C GLU A 28 -12.00 -10.92 -11.15
N ALA A 29 -10.75 -11.11 -11.54
CA ALA A 29 -10.30 -12.44 -11.95
C ALA A 29 -10.45 -13.47 -10.82
N SER A 30 -10.06 -13.08 -9.61
CA SER A 30 -10.16 -14.00 -8.48
C SER A 30 -11.63 -14.36 -8.19
N LEU A 31 -12.51 -13.35 -8.24
CA LEU A 31 -13.93 -13.57 -7.94
C LEU A 31 -14.61 -14.43 -9.01
N LEU A 32 -14.25 -14.20 -10.27
CA LEU A 32 -14.82 -15.01 -11.35
C LEU A 32 -14.30 -16.44 -11.26
N ALA A 33 -13.04 -16.62 -10.86
CA ALA A 33 -12.51 -17.97 -10.65
C ALA A 33 -13.27 -18.69 -9.54
N LEU A 34 -13.60 -17.96 -8.46
CA LEU A 34 -14.35 -18.55 -7.36
C LEU A 34 -15.76 -18.91 -7.82
N GLN A 35 -16.36 -18.05 -8.61
CA GLN A 35 -17.69 -18.30 -9.11
C GLN A 35 -17.71 -19.52 -10.01
N ALA A 36 -16.60 -19.80 -10.68
CA ALA A 36 -16.51 -20.96 -11.56
C ALA A 36 -16.16 -22.26 -10.81
N GLY A 37 -15.96 -22.17 -9.51
CA GLY A 37 -15.75 -23.36 -8.71
C GLY A 37 -14.31 -23.65 -8.33
N GLU A 38 -13.42 -22.68 -8.50
CA GLU A 38 -12.06 -22.86 -8.02
C GLU A 38 -12.04 -22.65 -6.52
N ASP A 39 -11.01 -23.14 -5.88
CA ASP A 39 -10.94 -23.14 -4.44
C ASP A 39 -10.47 -21.80 -3.86
N ALA A 40 -11.12 -21.40 -2.77
CA ALA A 40 -10.73 -20.22 -2.00
C ALA A 40 -9.26 -20.16 -1.64
N ALA A 41 -8.63 -21.32 -1.43
CA ALA A 41 -7.24 -21.37 -1.01
C ALA A 41 -6.34 -20.66 -2.01
N ALA A 42 -6.68 -20.74 -3.29
CA ALA A 42 -5.87 -20.16 -4.36
C ALA A 42 -6.17 -18.68 -4.60
N HIS A 43 -7.30 -18.20 -4.09
CA HIS A 43 -7.79 -16.90 -4.51
C HIS A 43 -7.98 -15.86 -3.43
N VAL A 44 -8.10 -16.25 -2.16
CA VAL A 44 -8.36 -15.25 -1.12
CA VAL A 44 -8.35 -15.26 -1.09
C VAL A 44 -7.17 -14.31 -0.92
N GLY A 45 -5.94 -14.82 -1.02
CA GLY A 45 -4.77 -13.99 -0.94
C GLY A 45 -4.69 -12.96 -2.05
N PRO A 46 -4.76 -13.41 -3.31
CA PRO A 46 -4.75 -12.47 -4.44
C PRO A 46 -5.89 -11.45 -4.35
N LEU A 47 -7.06 -11.90 -3.93
CA LEU A 47 -8.21 -11.00 -3.80
C LEU A 47 -7.93 -9.92 -2.74
N PHE A 48 -7.44 -10.33 -1.57
CA PHE A 48 -7.10 -9.40 -0.52
C PHE A 48 -6.07 -8.39 -1.00
N ARG A 49 -5.01 -8.89 -1.63
CA ARG A 49 -3.94 -7.98 -2.07
C ARG A 49 -4.44 -6.95 -3.09
N ALA A 50 -5.32 -7.38 -3.99
CA ALA A 50 -5.84 -6.48 -5.02
C ALA A 50 -6.66 -5.35 -4.38
N VAL A 51 -7.53 -5.71 -3.45
CA VAL A 51 -8.38 -4.73 -2.79
C VAL A 51 -7.52 -3.82 -1.91
N HIS A 52 -6.54 -4.40 -1.24
CA HIS A 52 -5.67 -3.63 -0.37
C HIS A 52 -4.88 -2.58 -1.17
N THR A 53 -4.38 -2.98 -2.34
CA THR A 53 -3.69 -2.07 -3.23
C THR A 53 -4.63 -0.93 -3.69
N PHE A 54 -5.83 -1.30 -4.12
CA PHE A 54 -6.78 -0.30 -4.57
C PHE A 54 -7.10 0.70 -3.46
N LYS A 55 -7.30 0.19 -2.25
CA LYS A 55 -7.53 1.02 -1.08
C LYS A 55 -6.36 1.97 -0.82
N GLY A 56 -5.15 1.45 -0.77
CA GLY A 56 -3.98 2.29 -0.53
C GLY A 56 -3.77 3.36 -1.58
N ASN A 57 -4.06 3.02 -2.83
CA ASN A 57 -3.93 3.97 -3.93
C ASN A 57 -4.88 5.16 -3.74
N SER A 58 -6.12 4.85 -3.36
CA SER A 58 -7.09 5.90 -3.15
CA SER A 58 -7.10 5.90 -3.15
C SER A 58 -6.73 6.76 -1.95
N ARG A 59 -6.15 6.14 -0.92
CA ARG A 59 -5.70 6.87 0.25
C ARG A 59 -4.59 7.87 -0.10
N VAL A 60 -3.64 7.48 -0.97
CA VAL A 60 -2.55 8.37 -1.38
C VAL A 60 -3.09 9.71 -1.89
N LEU A 61 -4.17 9.64 -2.67
CA LEU A 61 -4.76 10.80 -3.30
C LEU A 61 -5.87 11.45 -2.46
N GLY A 62 -6.08 10.97 -1.24
CA GLY A 62 -7.05 11.55 -0.33
C GLY A 62 -8.50 11.31 -0.73
N LEU A 63 -8.76 10.22 -1.45
CA LEU A 63 -10.11 9.95 -1.97
C LEU A 63 -10.83 9.10 -0.93
N SER A 64 -11.25 9.75 0.14
CA SER A 64 -11.76 9.05 1.32
CA SER A 64 -11.80 9.09 1.32
C SER A 64 -13.07 8.28 1.07
N VAL A 65 -13.91 8.74 0.16
CA VAL A 65 -15.16 8.01 -0.11
C VAL A 65 -14.78 6.73 -0.86
N VAL A 66 -13.96 6.84 -1.90
CA VAL A 66 -13.49 5.64 -2.60
C VAL A 66 -12.81 4.66 -1.62
N GLU A 67 -11.92 5.20 -0.80
CA GLU A 67 -11.19 4.42 0.19
C GLU A 67 -12.15 3.65 1.09
N SER A 68 -13.22 4.29 1.52
CA SER A 68 -14.13 3.64 2.50
C SER A 68 -14.84 2.43 1.90
N ARG A 69 -15.12 2.46 0.59
CA ARG A 69 -15.75 1.29 -0.06
C ARG A 69 -14.75 0.13 -0.15
N ALA A 70 -13.52 0.43 -0.56
CA ALA A 70 -12.49 -0.59 -0.64
C ALA A 70 -12.20 -1.13 0.76
N HIS A 71 -12.22 -0.27 1.77
CA HIS A 71 -11.92 -0.70 3.12
C HIS A 71 -12.93 -1.72 3.62
N LEU A 72 -14.21 -1.46 3.38
CA LEU A 72 -15.19 -2.42 3.85
CA LEU A 72 -15.24 -2.39 3.82
C LEU A 72 -15.08 -3.74 3.10
N CYS A 73 -14.76 -3.71 1.81
CA CYS A 73 -14.47 -4.95 1.08
C CYS A 73 -13.34 -5.70 1.76
N GLU A 74 -12.28 -4.99 2.13
CA GLU A 74 -11.11 -5.60 2.74
C GLU A 74 -11.46 -6.24 4.07
N ASP A 75 -12.33 -5.57 4.84
CA ASP A 75 -12.77 -6.12 6.11
C ASP A 75 -13.47 -7.47 5.89
N LEU A 76 -14.34 -7.54 4.89
CA LEU A 76 -15.11 -8.77 4.64
C LEU A 76 -14.16 -9.89 4.20
N ILE A 77 -13.25 -9.58 3.29
CA ILE A 77 -12.29 -10.58 2.84
C ILE A 77 -11.40 -11.02 4.01
N GLY A 78 -11.04 -10.08 4.88
CA GLY A 78 -10.27 -10.41 6.08
C GLY A 78 -10.96 -11.38 7.03
N LEU A 79 -12.28 -11.34 7.10
CA LEU A 79 -13.02 -12.30 7.95
C LEU A 79 -12.81 -13.72 7.43
N VAL A 80 -12.83 -13.87 6.11
CA VAL A 80 -12.55 -15.16 5.47
C VAL A 80 -11.10 -15.58 5.74
N ARG A 81 -10.17 -14.65 5.54
CA ARG A 81 -8.76 -15.00 5.64
C ARG A 81 -8.34 -15.30 7.08
N ASP A 82 -8.89 -14.56 8.04
CA ASP A 82 -8.39 -14.57 9.41
C ASP A 82 -9.35 -15.14 10.47
N ALA A 83 -10.65 -15.01 10.24
CA ALA A 83 -11.65 -15.31 11.27
C ALA A 83 -12.50 -16.53 10.92
N GLY A 84 -12.04 -17.29 9.94
CA GLY A 84 -12.63 -18.59 9.67
C GLY A 84 -13.98 -18.58 8.98
N VAL A 85 -14.40 -17.44 8.46
CA VAL A 85 -15.64 -17.33 7.71
C VAL A 85 -15.48 -17.94 6.31
N PRO A 86 -16.36 -18.87 5.91
CA PRO A 86 -16.24 -19.39 4.54
C PRO A 86 -16.51 -18.34 3.45
N MET A 87 -15.78 -18.47 2.35
CA MET A 87 -15.96 -17.62 1.19
CA MET A 87 -15.96 -17.64 1.17
C MET A 87 -17.20 -18.12 0.43
N ASP A 88 -18.36 -17.82 0.99
CA ASP A 88 -19.60 -18.35 0.43
C ASP A 88 -20.05 -17.57 -0.81
N GLY A 89 -21.08 -18.08 -1.46
CA GLY A 89 -21.53 -17.55 -2.71
C GLY A 89 -22.01 -16.10 -2.58
N GLU A 90 -22.53 -15.76 -1.41
CA GLU A 90 -23.02 -14.42 -1.19
C GLU A 90 -21.85 -13.42 -1.12
N ILE A 91 -20.79 -13.80 -0.41
CA ILE A 91 -19.60 -12.95 -0.36
C ILE A 91 -19.09 -12.70 -1.77
N VAL A 92 -18.99 -13.75 -2.56
CA VAL A 92 -18.46 -13.62 -3.91
C VAL A 92 -19.32 -12.65 -4.72
N GLU A 93 -20.63 -12.79 -4.57
CA GLU A 93 -21.60 -11.96 -5.26
C GLU A 93 -21.47 -10.46 -4.92
N ILE A 94 -21.44 -10.19 -3.62
CA ILE A 94 -21.34 -8.82 -3.12
C ILE A 94 -20.01 -8.21 -3.61
N LEU A 95 -18.95 -8.99 -3.60
CA LEU A 95 -17.65 -8.46 -4.01
C LEU A 95 -17.57 -8.24 -5.53
N LEU A 96 -18.27 -9.07 -6.32
CA LEU A 96 -18.36 -8.82 -7.76
C LEU A 96 -19.09 -7.48 -8.01
N PHE A 97 -20.18 -7.24 -7.29
CA PHE A 97 -20.88 -5.96 -7.35
C PHE A 97 -19.93 -4.84 -6.93
N ALA A 98 -19.18 -5.07 -5.86
CA ALA A 98 -18.19 -4.08 -5.42
C ALA A 98 -17.16 -3.79 -6.51
N SER A 99 -16.69 -4.82 -7.21
CA SER A 99 -15.65 -4.61 -8.21
C SER A 99 -16.21 -3.73 -9.33
N ASP A 100 -17.46 -3.95 -9.73
CA ASP A 100 -18.06 -3.12 -10.79
C ASP A 100 -18.22 -1.68 -10.31
N THR A 101 -18.61 -1.53 -9.06
CA THR A 101 -18.81 -0.21 -8.45
C THR A 101 -17.48 0.53 -8.36
N LEU A 102 -16.44 -0.14 -7.87
CA LEU A 102 -15.09 0.43 -7.80
C LEU A 102 -14.56 0.83 -9.18
N ARG A 103 -14.88 0.04 -10.20
N ARG A 103 -14.86 0.03 -10.20
CA ARG A 103 -14.42 0.32 -11.56
CA ARG A 103 -14.42 0.35 -11.55
C ARG A 103 -15.04 1.62 -12.09
C ARG A 103 -15.02 1.66 -12.03
N ALA A 104 -16.32 1.83 -11.80
CA ALA A 104 -16.98 3.06 -12.18
C ALA A 104 -16.39 4.25 -11.39
N MET A 105 -16.10 4.04 -10.11
CA MET A 105 -15.52 5.11 -9.30
CA MET A 105 -15.53 5.10 -9.28
C MET A 105 -14.14 5.46 -9.79
N LEU A 106 -13.38 4.46 -10.18
CA LEU A 106 -12.04 4.67 -10.70
C LEU A 106 -12.12 5.50 -11.97
N GLU A 107 -13.02 5.17 -12.89
CA GLU A 107 -13.08 5.84 -14.18
CA GLU A 107 -13.01 5.85 -14.17
C GLU A 107 -13.49 7.29 -14.00
N GLU A 108 -14.43 7.53 -13.09
CA GLU A 108 -14.89 8.89 -12.83
C GLU A 108 -13.87 9.74 -12.10
N THR A 109 -13.28 9.22 -11.02
CA THR A 109 -12.38 10.02 -10.17
C THR A 109 -11.09 10.31 -10.91
N ALA A 110 -10.68 9.38 -11.78
CA ALA A 110 -9.45 9.56 -12.52
C ALA A 110 -9.61 10.75 -13.44
N ALA A 111 -10.85 11.01 -13.85
CA ALA A 111 -11.13 12.02 -14.86
C ALA A 111 -11.45 13.38 -14.22
N SER A 112 -12.11 13.34 -13.07
CA SER A 112 -12.38 14.53 -12.28
C SER A 112 -11.19 14.94 -11.41
N ARG A 113 -10.23 14.05 -11.23
CA ARG A 113 -9.14 14.25 -10.26
C ARG A 113 -9.67 14.69 -8.89
N ALA A 114 -10.80 14.07 -8.50
CA ALA A 114 -11.42 14.35 -7.21
C ALA A 114 -12.19 13.13 -6.72
N ASP A 115 -12.56 13.16 -5.45
CA ASP A 115 -13.31 12.05 -4.85
C ASP A 115 -14.72 12.02 -5.44
N VAL A 116 -15.37 10.87 -5.30
CA VAL A 116 -16.72 10.69 -5.84
C VAL A 116 -17.69 11.09 -4.78
N GLU A 117 -18.91 11.39 -5.25
CA GLU A 117 -20.05 11.45 -4.38
C GLU A 117 -20.51 10.05 -4.04
N GLY A 118 -20.70 9.86 -2.74
CA GLY A 118 -21.00 8.57 -2.18
C GLY A 118 -22.38 8.04 -2.45
N THR A 119 -23.31 8.87 -2.92
CA THR A 119 -24.70 8.47 -3.01
CA THR A 119 -24.71 8.47 -3.05
C THR A 119 -24.93 7.18 -3.84
N GLY A 120 -24.27 7.07 -4.99
CA GLY A 120 -24.48 5.94 -5.87
C GLY A 120 -24.07 4.59 -5.27
N SER A 121 -23.18 4.63 -4.28
CA SER A 121 -22.65 3.40 -3.68
C SER A 121 -23.13 3.15 -2.24
N GLU A 122 -24.13 3.91 -1.79
CA GLU A 122 -24.66 3.66 -0.46
C GLU A 122 -25.28 2.26 -0.35
N ALA A 123 -25.89 1.77 -1.42
CA ALA A 123 -26.48 0.42 -1.39
C ALA A 123 -25.40 -0.65 -1.19
N LEU A 124 -24.29 -0.49 -1.88
CA LEU A 124 -23.18 -1.42 -1.73
C LEU A 124 -22.71 -1.40 -0.29
N MET A 125 -22.60 -0.20 0.29
CA MET A 125 -22.12 -0.11 1.66
C MET A 125 -23.09 -0.87 2.59
N ASP A 126 -24.38 -0.67 2.41
CA ASP A 126 -25.33 -1.39 3.24
C ASP A 126 -25.17 -2.91 3.11
N GLN A 127 -24.94 -3.40 1.90
CA GLN A 127 -24.82 -4.84 1.66
C GLN A 127 -23.57 -5.37 2.32
N LEU A 128 -22.47 -4.65 2.20
CA LEU A 128 -21.25 -5.06 2.85
C LEU A 128 -21.45 -5.09 4.37
N ARG A 129 -22.06 -4.03 4.94
CA ARG A 129 -22.20 -3.98 6.38
C ARG A 129 -23.09 -5.12 6.87
N SER A 130 -24.13 -5.43 6.10
CA SER A 130 -25.07 -6.51 6.43
C SER A 130 -24.37 -7.87 6.42
N LYS A 131 -23.64 -8.18 5.35
CA LYS A 131 -22.94 -9.45 5.26
C LYS A 131 -21.89 -9.54 6.37
N ILE A 132 -21.15 -8.47 6.61
CA ILE A 132 -20.15 -8.47 7.68
C ILE A 132 -20.79 -8.81 9.04
N ALA A 133 -21.91 -8.17 9.33
CA ALA A 133 -22.62 -8.40 10.58
C ALA A 133 -23.16 -9.83 10.69
N ARG A 134 -23.71 -10.35 9.59
CA ARG A 134 -24.37 -11.66 9.62
C ARG A 134 -23.39 -12.79 9.69
N CYS A 135 -22.23 -12.65 9.08
CA CYS A 135 -21.33 -13.79 9.06
C CYS A 135 -20.30 -13.64 10.19
N SER A 136 -20.39 -12.53 10.92
CA SER A 136 -19.58 -12.38 12.12
C SER A 136 -20.43 -12.06 13.35
N ARG A 137 -21.64 -12.60 13.40
CA ARG A 137 -22.57 -12.28 14.49
C ARG A 137 -21.90 -12.42 15.86
N GLY B 11 26.17 13.32 2.76
CA GLY B 11 26.32 14.63 3.47
C GLY B 11 25.20 15.57 3.09
N SER B 12 25.14 15.96 1.81
CA SER B 12 24.12 16.89 1.34
C SER B 12 24.16 17.05 -0.17
N PRO B 13 23.09 16.63 -0.86
CA PRO B 13 21.97 16.03 -0.14
C PRO B 13 22.23 14.56 0.24
N TYR B 14 21.44 14.05 1.16
CA TYR B 14 21.43 12.62 1.44
C TYR B 14 20.71 11.86 0.32
N ASN B 15 21.27 10.71 -0.06
CA ASN B 15 20.75 9.88 -1.15
C ASN B 15 19.77 8.86 -0.60
N VAL B 16 18.55 8.83 -1.14
CA VAL B 16 17.47 8.00 -0.65
C VAL B 16 17.06 6.93 -1.65
N MET B 17 16.82 5.72 -1.14
CA MET B 17 16.20 4.66 -1.94
CA MET B 17 16.23 4.65 -1.90
C MET B 17 14.84 4.37 -1.33
N ILE B 18 13.84 4.27 -2.20
CA ILE B 18 12.46 3.98 -1.75
C ILE B 18 12.09 2.56 -2.20
N VAL B 19 11.69 1.71 -1.24
CA VAL B 19 11.34 0.31 -1.52
C VAL B 19 9.92 0.05 -1.03
N ASP B 20 9.01 -0.13 -1.98
CA ASP B 20 7.60 -0.33 -1.65
C ASP B 20 6.97 -0.97 -2.86
N ASP B 21 6.15 -1.99 -2.67
CA ASP B 21 5.55 -2.66 -3.83
C ASP B 21 4.47 -1.81 -4.47
N ALA B 22 4.00 -0.78 -3.76
CA ALA B 22 2.97 0.10 -4.31
C ALA B 22 3.62 1.22 -5.12
N ALA B 23 3.46 1.16 -6.45
CA ALA B 23 3.96 2.20 -7.31
C ALA B 23 3.42 3.59 -6.93
N MET B 24 2.18 3.69 -6.47
CA MET B 24 1.66 4.99 -6.07
CA MET B 24 1.67 4.99 -6.09
C MET B 24 2.38 5.57 -4.87
N MET B 25 2.75 4.72 -3.94
CA MET B 25 3.46 5.20 -2.77
C MET B 25 4.89 5.60 -3.14
N ARG B 26 5.54 4.84 -4.02
CA ARG B 26 6.88 5.22 -4.46
C ARG B 26 6.86 6.60 -5.14
N LEU B 27 5.89 6.82 -6.03
CA LEU B 27 5.81 8.10 -6.74
C LEU B 27 5.47 9.24 -5.78
N TYR B 28 4.54 9.00 -4.87
CA TYR B 28 4.14 10.03 -3.92
C TYR B 28 5.29 10.47 -3.02
N ILE B 29 6.02 9.48 -2.49
CA ILE B 29 7.15 9.78 -1.64
C ILE B 29 8.25 10.44 -2.46
N ALA B 30 8.51 9.95 -3.68
CA ALA B 30 9.55 10.55 -4.51
C ALA B 30 9.22 12.02 -4.82
N SER B 31 7.96 12.29 -5.11
CA SER B 31 7.55 13.65 -5.43
C SER B 31 7.77 14.57 -4.24
N PHE B 32 7.45 14.06 -3.06
CA PHE B 32 7.68 14.82 -1.85
C PHE B 32 9.18 15.09 -1.60
N ILE B 33 10.01 14.07 -1.76
CA ILE B 33 11.45 14.26 -1.56
C ILE B 33 12.04 15.27 -2.52
N LYS B 34 11.48 15.40 -3.72
CA LYS B 34 11.90 16.48 -4.62
C LYS B 34 11.79 17.85 -4.01
N THR B 35 10.91 18.02 -3.06
CA THR B 35 10.71 19.33 -2.47
C THR B 35 11.63 19.58 -1.26
N LEU B 36 12.38 18.57 -0.82
CA LEU B 36 13.33 18.76 0.28
C LEU B 36 14.71 19.03 -0.29
N PRO B 37 15.38 20.10 0.13
CA PRO B 37 16.72 20.41 -0.40
C PRO B 37 17.82 19.51 0.13
N ASP B 38 17.53 18.75 1.18
CA ASP B 38 18.56 17.97 1.87
C ASP B 38 18.52 16.49 1.55
N PHE B 39 17.59 16.08 0.69
CA PHE B 39 17.46 14.64 0.29
C PHE B 39 17.16 14.56 -1.19
N LYS B 40 17.68 13.51 -1.83
N LYS B 40 17.71 13.58 -1.87
CA LYS B 40 17.52 13.26 -3.27
CA LYS B 40 17.29 13.30 -3.24
C LYS B 40 17.28 11.77 -3.50
C LYS B 40 17.10 11.81 -3.35
N VAL B 41 16.28 11.41 -4.29
CA VAL B 41 16.02 9.99 -4.58
C VAL B 41 17.01 9.51 -5.63
N VAL B 42 17.68 8.42 -5.32
CA VAL B 42 18.62 7.81 -6.28
C VAL B 42 18.18 6.42 -6.75
N ALA B 43 17.20 5.80 -6.10
CA ALA B 43 16.74 4.50 -6.52
C ALA B 43 15.35 4.25 -5.98
N GLN B 44 14.58 3.48 -6.74
CA GLN B 44 13.26 3.02 -6.33
C GLN B 44 13.12 1.56 -6.70
N ALA B 45 12.45 0.78 -5.86
CA ALA B 45 12.33 -0.65 -6.10
C ALA B 45 11.01 -1.18 -5.59
N ALA B 46 10.48 -2.18 -6.29
CA ALA B 46 9.17 -2.76 -6.03
C ALA B 46 9.23 -4.06 -5.27
N ASN B 47 10.42 -4.62 -5.18
CA ASN B 47 10.58 -5.91 -4.50
C ASN B 47 12.02 -6.06 -4.02
N GLY B 48 12.25 -7.06 -3.18
CA GLY B 48 13.54 -7.26 -2.54
C GLY B 48 14.69 -7.46 -3.50
N GLN B 49 14.48 -8.23 -4.56
CA GLN B 49 15.60 -8.51 -5.46
C GLN B 49 15.96 -7.24 -6.22
N GLU B 50 14.94 -6.50 -6.68
CA GLU B 50 15.20 -5.25 -7.36
C GLU B 50 15.91 -4.28 -6.43
N ALA B 51 15.51 -4.28 -5.17
CA ALA B 51 16.16 -3.41 -4.17
C ALA B 51 17.63 -3.80 -4.00
N LEU B 52 17.91 -5.11 -3.92
CA LEU B 52 19.28 -5.59 -3.87
C LEU B 52 20.07 -5.17 -5.09
N ASP B 53 19.47 -5.31 -6.26
CA ASP B 53 20.13 -4.98 -7.51
C ASP B 53 20.47 -3.51 -7.57
N LYS B 54 19.56 -2.66 -7.12
CA LYS B 54 19.76 -1.21 -7.13
CA LYS B 54 19.82 -1.24 -7.19
C LYS B 54 20.79 -0.80 -6.08
N LEU B 55 20.68 -1.37 -4.90
CA LEU B 55 21.54 -1.04 -3.79
C LEU B 55 22.99 -1.47 -3.99
N ALA B 56 23.17 -2.67 -4.52
CA ALA B 56 24.51 -3.25 -4.65
C ALA B 56 25.27 -2.47 -5.70
N ALA B 57 24.53 -1.92 -6.64
CA ALA B 57 25.10 -1.09 -7.69
C ALA B 57 25.27 0.38 -7.25
N GLN B 58 24.55 0.80 -6.21
CA GLN B 58 24.57 2.20 -5.79
C GLN B 58 24.96 2.36 -4.33
N PRO B 59 26.25 2.25 -4.06
CA PRO B 59 26.71 2.18 -2.67
C PRO B 59 26.65 3.51 -1.92
N ASN B 60 26.29 4.59 -2.60
CA ASN B 60 26.19 5.90 -1.97
C ASN B 60 24.85 6.15 -1.28
N VAL B 61 24.00 5.12 -1.19
CA VAL B 61 22.71 5.31 -0.55
C VAL B 61 22.90 5.58 0.95
N ASP B 62 22.30 6.68 1.41
CA ASP B 62 22.38 7.07 2.82
C ASP B 62 21.17 6.60 3.64
N LEU B 63 20.01 6.48 2.99
CA LEU B 63 18.76 6.23 3.71
C LEU B 63 17.86 5.39 2.83
N ILE B 64 17.32 4.32 3.40
CA ILE B 64 16.38 3.44 2.72
C ILE B 64 15.04 3.57 3.43
N LEU B 65 14.00 3.86 2.66
CA LEU B 65 12.63 3.89 3.17
C LEU B 65 11.98 2.61 2.69
N LEU B 66 11.59 1.76 3.62
CA LEU B 66 11.17 0.39 3.31
C LEU B 66 9.79 0.06 3.86
N ASP B 67 8.87 -0.32 2.98
CA ASP B 67 7.51 -0.76 3.38
C ASP B 67 7.59 -1.92 4.36
N ILE B 68 6.98 -1.72 5.51
CA ILE B 68 6.94 -2.74 6.54
C ILE B 68 5.94 -3.84 6.14
N GLU B 69 5.12 -3.59 5.13
CA GLU B 69 4.17 -4.59 4.63
C GLU B 69 4.75 -5.46 3.51
N MET B 70 5.87 -5.01 2.92
N MET B 70 5.87 -5.03 2.95
CA MET B 70 6.55 -5.80 1.87
CA MET B 70 6.52 -5.80 1.90
C MET B 70 7.10 -7.08 2.48
C MET B 70 7.08 -7.08 2.49
N PRO B 71 6.73 -8.23 1.89
CA PRO B 71 7.25 -9.49 2.41
C PRO B 71 8.78 -9.49 2.36
N VAL B 72 9.41 -10.03 3.40
CA VAL B 72 10.85 -10.20 3.39
C VAL B 72 11.23 -11.35 2.46
N MET B 73 12.41 -11.27 1.85
CA MET B 73 12.86 -12.36 1.00
CA MET B 73 12.86 -12.36 1.00
C MET B 73 13.03 -13.59 1.89
N ASP B 74 13.04 -14.77 1.28
CA ASP B 74 13.08 -16.03 2.03
C ASP B 74 14.33 -16.21 2.91
N GLY B 75 15.45 -15.60 2.52
CA GLY B 75 16.63 -15.55 3.36
C GLY B 75 16.97 -14.12 3.76
N MET B 76 15.97 -13.24 3.61
CA MET B 76 16.08 -11.81 3.93
CA MET B 76 16.08 -11.82 3.94
C MET B 76 17.36 -11.20 3.37
N GLU B 77 17.62 -11.50 2.12
CA GLU B 77 18.86 -11.07 1.52
C GLU B 77 18.92 -9.55 1.40
N PHE B 78 17.80 -8.88 1.09
CA PHE B 78 17.86 -7.40 0.93
C PHE B 78 18.13 -6.71 2.26
N LEU B 79 17.30 -6.98 3.26
CA LEU B 79 17.48 -6.34 4.55
C LEU B 79 18.84 -6.72 5.15
N ARG B 80 19.24 -7.99 5.05
CA ARG B 80 20.56 -8.39 5.51
C ARG B 80 21.68 -7.62 4.80
N HIS B 81 21.60 -7.50 3.48
CA HIS B 81 22.63 -6.76 2.75
C HIS B 81 22.63 -5.32 3.22
N ALA B 82 21.46 -4.71 3.33
CA ALA B 82 21.40 -3.30 3.71
C ALA B 82 22.02 -3.07 5.08
N LYS B 83 21.69 -3.94 6.03
CA LYS B 83 22.16 -3.77 7.40
C LYS B 83 23.63 -4.12 7.53
N LEU B 84 24.08 -5.15 6.84
CA LEU B 84 25.39 -5.74 7.13
C LEU B 84 26.49 -5.35 6.13
N LYS B 85 26.08 -4.92 4.93
CA LYS B 85 27.06 -4.61 3.88
CA LYS B 85 27.06 -4.60 3.88
C LYS B 85 27.02 -3.13 3.47
N THR B 86 26.11 -2.37 4.07
CA THR B 86 26.12 -0.92 3.85
C THR B 86 25.99 -0.22 5.20
N ARG B 87 26.17 1.09 5.19
CA ARG B 87 25.93 1.89 6.39
C ARG B 87 24.69 2.77 6.22
N ALA B 88 23.80 2.43 5.29
CA ALA B 88 22.56 3.17 5.13
C ALA B 88 21.70 3.06 6.37
N LYS B 89 21.05 4.15 6.74
CA LYS B 89 19.98 4.11 7.72
C LYS B 89 18.74 3.53 7.08
N ILE B 90 17.96 2.82 7.87
CA ILE B 90 16.76 2.16 7.37
C ILE B 90 15.56 2.63 8.17
N CYS B 91 14.59 3.22 7.48
CA CYS B 91 13.35 3.65 8.10
C CYS B 91 12.19 2.87 7.51
N MET B 92 11.48 2.13 8.35
CA MET B 92 10.32 1.41 7.88
CA MET B 92 10.29 1.41 7.91
C MET B 92 9.14 2.37 7.69
N LEU B 93 8.30 2.05 6.72
CA LEU B 93 7.10 2.80 6.40
C LEU B 93 5.89 1.95 6.77
N SER B 94 4.99 2.51 7.57
CA SER B 94 3.82 1.76 8.00
C SER B 94 2.52 2.31 7.40
N SER B 95 1.60 1.42 7.03
CA SER B 95 0.34 1.81 6.37
C SER B 95 -0.71 2.26 7.36
N VAL B 96 -0.46 2.01 8.63
CA VAL B 96 -1.37 2.45 9.66
C VAL B 96 -0.61 3.34 10.64
N ALA B 97 -1.35 4.01 11.52
CA ALA B 97 -0.73 4.78 12.57
C ALA B 97 0.20 3.87 13.35
N VAL B 98 1.41 4.35 13.61
CA VAL B 98 2.39 3.58 14.38
C VAL B 98 1.92 3.42 15.84
N SER B 99 1.37 4.47 16.46
CA SER B 99 0.88 4.33 17.83
C SER B 99 -0.30 3.36 17.91
N GLY B 100 -0.15 2.30 18.70
CA GLY B 100 -1.19 1.28 18.83
C GLY B 100 -0.99 0.10 17.89
N SER B 101 0.05 0.16 17.05
CA SER B 101 0.38 -0.92 16.13
CA SER B 101 0.39 -0.93 16.13
C SER B 101 1.59 -1.71 16.67
N PRO B 102 1.89 -2.88 16.05
CA PRO B 102 3.11 -3.56 16.48
C PRO B 102 4.32 -3.06 15.71
N HIS B 103 4.16 -1.99 14.91
CA HIS B 103 5.17 -1.65 13.91
C HIS B 103 6.46 -1.07 14.48
N ALA B 104 6.40 -0.30 15.55
CA ALA B 104 7.63 0.25 16.13
C ALA B 104 8.51 -0.87 16.70
N ALA B 105 7.88 -1.87 17.33
CA ALA B 105 8.62 -3.01 17.85
C ALA B 105 9.13 -3.90 16.71
N ARG B 106 8.32 -4.08 15.67
CA ARG B 106 8.73 -4.90 14.54
C ARG B 106 9.91 -4.27 13.83
N ALA B 107 9.94 -2.94 13.78
CA ALA B 107 11.03 -2.21 13.13
C ALA B 107 12.34 -2.45 13.86
N ARG B 108 12.33 -2.32 15.19
CA ARG B 108 13.53 -2.59 15.97
C ARG B 108 14.03 -4.01 15.77
N GLU B 109 13.10 -4.96 15.74
CA GLU B 109 13.44 -6.37 15.61
C GLU B 109 14.14 -6.67 14.28
N LEU B 110 13.66 -6.02 13.22
CA LEU B 110 14.20 -6.21 11.88
C LEU B 110 15.56 -5.50 11.71
N GLY B 111 15.98 -4.75 12.72
CA GLY B 111 17.21 -3.98 12.65
C GLY B 111 17.04 -2.59 12.06
N ALA B 112 15.80 -2.17 11.81
CA ALA B 112 15.57 -0.82 11.28
C ALA B 112 15.85 0.24 12.32
N ASP B 113 16.22 1.44 11.84
CA ASP B 113 16.58 2.54 12.72
C ASP B 113 15.41 3.38 13.16
N GLY B 114 14.28 3.24 12.47
CA GLY B 114 13.07 3.95 12.84
C GLY B 114 11.88 3.47 12.04
N VAL B 115 10.73 4.06 12.34
CA VAL B 115 9.49 3.75 11.64
C VAL B 115 8.63 5.01 11.59
N VAL B 116 7.90 5.18 10.51
CA VAL B 116 7.02 6.31 10.35
C VAL B 116 5.85 5.91 9.48
N ALA B 117 4.71 6.51 9.75
CA ALA B 117 3.53 6.28 8.94
C ALA B 117 3.76 6.82 7.53
N LYS B 118 3.24 6.09 6.56
CA LYS B 118 3.24 6.54 5.19
C LYS B 118 2.42 7.81 5.11
N PRO B 119 2.89 8.78 4.34
CA PRO B 119 2.09 10.00 4.14
C PRO B 119 0.89 9.75 3.21
N SER B 120 -0.05 10.69 3.24
CA SER B 120 -1.18 10.62 2.31
C SER B 120 -1.76 12.01 2.01
N GLY B 121 -2.52 12.11 0.93
CA GLY B 121 -3.23 13.35 0.61
C GLY B 121 -4.57 13.43 1.33
N THR B 122 -4.75 12.56 2.33
CA THR B 122 -6.00 12.43 3.06
C THR B 122 -6.26 13.57 4.06
N VAL B 123 -7.49 13.62 4.57
CA VAL B 123 -7.88 14.48 5.68
C VAL B 123 -6.90 15.64 5.91
N LYS B 130 2.16 18.94 8.09
CA LYS B 130 1.18 18.58 7.07
C LYS B 130 1.59 17.32 6.30
N THR B 131 1.24 17.38 4.87
CA THR B 131 1.59 16.19 4.05
C THR B 131 2.74 15.20 4.24
N GLY B 132 3.83 15.59 4.61
CA GLY B 132 4.99 14.77 4.76
C GLY B 132 5.83 15.43 5.84
N GLY B 133 5.20 16.31 6.60
CA GLY B 133 5.91 16.95 7.69
C GLY B 133 6.54 15.96 8.65
N GLU B 134 5.77 14.95 9.07
CA GLU B 134 6.28 13.96 10.01
C GLU B 134 7.37 13.09 9.33
N LEU B 135 7.13 12.73 8.07
CA LEU B 135 8.13 11.98 7.31
C LEU B 135 9.44 12.75 7.22
N ALA B 136 9.40 14.03 6.83
CA ALA B 136 10.62 14.80 6.70
C ALA B 136 11.33 14.89 8.06
N ARG B 137 10.56 15.11 9.12
CA ARG B 137 11.15 15.22 10.44
C ARG B 137 11.86 13.92 10.83
N THR B 138 11.24 12.79 10.55
CA THR B 138 11.83 11.52 10.89
C THR B 138 13.11 11.25 10.08
N MET B 139 13.07 11.52 8.79
CA MET B 139 14.23 11.34 7.92
CA MET B 139 14.24 11.32 7.95
C MET B 139 15.40 12.18 8.45
N ARG B 140 15.11 13.42 8.83
CA ARG B 140 16.16 14.32 9.31
C ARG B 140 16.73 13.88 10.65
N THR B 141 15.86 13.41 11.54
CA THR B 141 16.28 12.95 12.85
C THR B 141 17.23 11.77 12.67
N LEU B 142 16.86 10.85 11.78
CA LEU B 142 17.69 9.68 11.53
C LEU B 142 19.08 10.01 10.99
N MET B 143 19.16 11.00 10.10
CA MET B 143 20.45 11.32 9.52
CA MET B 143 20.42 11.39 9.50
C MET B 143 21.32 12.14 10.49
N ALA B 144 20.70 12.86 11.43
CA ALA B 144 21.44 13.68 12.38
C ALA B 144 21.89 12.89 13.61
N ALA B 145 21.31 11.71 13.79
CA ALA B 145 21.56 10.91 14.99
C ALA B 145 23.04 10.58 15.16
NA NA C . -10.78 -24.74 0.01
#